data_7PP7
#
_entry.id   7PP7
#
_cell.length_a   51.507
_cell.length_b   76.172
_cell.length_c   83.171
_cell.angle_alpha   90.000
_cell.angle_beta   102.110
_cell.angle_gamma   90.000
#
_symmetry.space_group_name_H-M   'I 1 2 1'
#
loop_
_entity.id
_entity.type
_entity.pdbx_description
1 polymer 'Acyl-[acyl-carrier-protein] 6-desaturase'
2 non-polymer 'FE (III) ION'
3 water water
#
_entity_poly.entity_id   1
_entity_poly.type   'polypeptide(L)'
_entity_poly.pdbx_seq_one_letter_code
;MDRKISSTRRVRTYPLAPEKAEIFNSMHGWVEDTILPFLKPVEESWQPTDFLPDSTSDGFHEQVEELRKRTADLPDDYLV
ALVGAMVTEEALPTYQTMLNTTDVIYDESGASPVPWAVWTRAWTAEENRHGDIVNKYLYLSGRVDMKQIEKTIQYLIGSG
MDPGADNNPYLAYIYTSYQERATAISHGSLGRLARQKGEMKLAQICGTISADEKRHEAAYSKIVEKLFELDPEGTMLALA
YMMKMKIVMPARLMHDGKDPDMFQHFSAVSQRLGIYTAKEYTDILEHMIARWGVDKLTGLSGEGRRAQDYVCGLPMRFRK
VEERAQAWAENISHVPFSWIFGRRV
;
_entity_poly.pdbx_strand_id   A
#
# COMPACT_ATOMS: atom_id res chain seq x y z
N GLU A 19 -15.59 14.09 21.11
CA GLU A 19 -15.46 12.65 21.52
C GLU A 19 -14.40 11.86 20.70
N LYS A 20 -14.37 12.00 19.37
CA LYS A 20 -13.29 11.37 18.56
C LYS A 20 -11.90 11.83 19.00
N ALA A 21 -11.73 13.13 19.15
CA ALA A 21 -10.48 13.69 19.70
C ALA A 21 -10.11 13.01 21.03
N GLU A 22 -11.08 12.89 21.94
CA GLU A 22 -10.86 12.24 23.25
C GLU A 22 -10.58 10.75 23.17
N ILE A 23 -11.29 10.05 22.29
CA ILE A 23 -10.99 8.66 22.00
C ILE A 23 -9.51 8.53 21.62
N PHE A 24 -9.08 9.37 20.68
CA PHE A 24 -7.68 9.39 20.23
C PHE A 24 -6.68 9.68 21.36
N ASN A 25 -6.99 10.70 22.17
CA ASN A 25 -6.21 11.05 23.36
C ASN A 25 -6.08 9.89 24.37
N SER A 26 -7.19 9.22 24.65
CA SER A 26 -7.26 8.12 25.63
C SER A 26 -6.47 6.89 25.18
N MET A 27 -6.23 6.76 23.87
CA MET A 27 -5.42 5.70 23.30
C MET A 27 -3.89 5.83 23.39
N HIS A 28 -3.35 6.92 23.95
CA HIS A 28 -1.89 7.16 23.93
C HIS A 28 -1.05 6.04 24.50
N GLY A 29 -1.43 5.56 25.67
CA GLY A 29 -0.74 4.49 26.33
C GLY A 29 -0.75 3.23 25.57
N TRP A 30 -1.90 2.88 25.01
CA TRP A 30 -2.01 1.65 24.24
C TRP A 30 -1.25 1.82 22.90
N VAL A 31 -1.31 2.99 22.27
CA VAL A 31 -0.55 3.18 21.03
C VAL A 31 0.93 2.94 21.34
N GLU A 32 1.41 3.56 22.42
CA GLU A 32 2.80 3.35 22.88
C GLU A 32 3.14 1.90 23.16
N ASP A 33 2.25 1.20 23.89
CA ASP A 33 2.51 -0.19 24.29
C ASP A 33 2.27 -1.21 23.19
N THR A 34 1.33 -0.95 22.30
CA THR A 34 0.90 -1.99 21.33
C THR A 34 1.27 -1.67 19.88
N ILE A 35 1.24 -0.40 19.49
CA ILE A 35 1.47 -0.02 18.08
C ILE A 35 2.97 0.25 17.82
N LEU A 36 3.65 1.02 18.65
CA LEU A 36 5.06 1.36 18.35
C LEU A 36 6.02 0.17 18.19
N PRO A 37 5.83 -0.92 18.93
CA PRO A 37 6.62 -2.11 18.67
C PRO A 37 6.54 -2.69 17.23
N PHE A 38 5.53 -2.33 16.44
CA PHE A 38 5.48 -2.78 15.05
C PHE A 38 6.53 -2.09 14.15
N LEU A 39 7.10 -0.97 14.61
CA LEU A 39 8.25 -0.36 13.95
C LEU A 39 9.49 -1.25 13.98
N LYS A 40 10.21 -1.30 12.87
CA LYS A 40 11.51 -1.93 12.86
C LYS A 40 12.63 -0.89 13.12
N PRO A 41 13.44 -1.10 14.16
CA PRO A 41 14.60 -0.21 14.41
C PRO A 41 15.38 0.10 13.12
N VAL A 42 15.72 1.39 12.94
CA VAL A 42 16.50 1.87 11.78
C VAL A 42 17.84 1.10 11.67
N GLU A 43 18.50 0.85 12.80
CA GLU A 43 19.71 0.03 12.80
C GLU A 43 19.56 -1.34 12.13
N GLU A 44 18.50 -2.07 12.44
CA GLU A 44 18.22 -3.38 11.82
C GLU A 44 17.56 -3.31 10.43
N SER A 45 17.45 -2.13 9.84
CA SER A 45 16.63 -1.98 8.63
C SER A 45 17.41 -2.06 7.34
N TRP A 46 16.85 -2.73 6.35
CA TRP A 46 17.38 -2.65 5.00
C TRP A 46 17.35 -1.20 4.48
N GLN A 47 18.18 -0.93 3.46
CA GLN A 47 18.12 0.33 2.78
C GLN A 47 18.25 0.02 1.32
N PRO A 48 17.74 0.91 0.49
CA PRO A 48 17.81 0.73 -0.92
C PRO A 48 19.18 0.28 -1.48
N THR A 49 20.24 0.95 -1.06
CA THR A 49 21.60 0.55 -1.37
C THR A 49 21.86 -0.96 -1.20
N ASP A 50 21.20 -1.62 -0.25
CA ASP A 50 21.36 -3.06 -0.07
C ASP A 50 21.02 -3.87 -1.33
N PHE A 51 20.10 -3.40 -2.13
CA PHE A 51 19.58 -4.18 -3.24
C PHE A 51 20.00 -3.63 -4.61
N LEU A 52 21.05 -2.80 -4.58
CA LEU A 52 21.54 -2.13 -5.76
C LEU A 52 22.98 -2.40 -6.01
N PRO A 53 23.38 -2.30 -7.30
CA PRO A 53 24.80 -2.40 -7.60
C PRO A 53 25.59 -1.45 -6.69
N ASP A 54 26.75 -1.92 -6.24
CA ASP A 54 27.62 -1.12 -5.38
C ASP A 54 28.39 -0.07 -6.18
N SER A 55 27.95 1.20 -6.06
CA SER A 55 28.61 2.29 -6.77
C SER A 55 30.04 2.65 -6.26
N THR A 56 30.38 2.21 -5.06
CA THR A 56 31.72 2.44 -4.49
C THR A 56 32.74 1.40 -4.99
N SER A 57 32.26 0.36 -5.68
CA SER A 57 33.05 -0.80 -6.03
C SER A 57 33.58 -0.72 -7.46
N ASP A 58 34.75 -1.33 -7.66
CA ASP A 58 35.34 -1.49 -8.99
C ASP A 58 34.43 -2.35 -9.86
N GLY A 59 33.63 -3.23 -9.22
CA GLY A 59 32.64 -4.05 -9.91
C GLY A 59 31.34 -3.37 -10.34
N PHE A 60 31.15 -2.07 -10.02
CA PHE A 60 29.91 -1.30 -10.30
C PHE A 60 29.35 -1.55 -11.68
N HIS A 61 30.15 -1.32 -12.72
CA HIS A 61 29.65 -1.40 -14.11
C HIS A 61 29.14 -2.82 -14.48
N GLU A 62 29.94 -3.78 -14.05
CA GLU A 62 29.59 -5.20 -14.19
C GLU A 62 28.29 -5.58 -13.45
N GLN A 63 28.14 -5.11 -12.23
CA GLN A 63 26.86 -5.32 -11.49
C GLN A 63 25.67 -4.64 -12.20
N VAL A 64 25.90 -3.46 -12.77
CA VAL A 64 24.84 -2.73 -13.47
C VAL A 64 24.46 -3.54 -14.73
N GLU A 65 25.46 -4.13 -15.37
CA GLU A 65 25.22 -4.92 -16.59
C GLU A 65 24.42 -6.17 -16.26
N GLU A 66 24.77 -6.87 -15.18
CA GLU A 66 24.03 -8.03 -14.72
C GLU A 66 22.56 -7.68 -14.50
N LEU A 67 22.30 -6.59 -13.79
CA LEU A 67 20.94 -6.08 -13.60
C LEU A 67 20.21 -5.88 -14.91
N ARG A 68 20.89 -5.29 -15.88
CA ARG A 68 20.23 -4.96 -17.12
C ARG A 68 19.96 -6.22 -17.90
N LYS A 69 20.84 -7.21 -17.78
CA LYS A 69 20.62 -8.54 -18.39
C LYS A 69 19.42 -9.28 -17.77
N ARG A 70 19.43 -9.40 -16.44
CA ARG A 70 18.33 -9.96 -15.64
CA ARG A 70 18.35 -9.99 -15.64
C ARG A 70 17.01 -9.34 -15.98
N THR A 71 17.00 -8.00 -16.12
CA THR A 71 15.72 -7.33 -16.37
C THR A 71 15.27 -7.37 -17.83
N ALA A 72 16.09 -7.85 -18.77
CA ALA A 72 15.65 -7.91 -20.19
C ALA A 72 14.71 -9.10 -20.40
N ASP A 73 14.72 -10.01 -19.42
CA ASP A 73 13.87 -11.19 -19.39
C ASP A 73 12.43 -10.95 -18.87
N LEU A 74 12.05 -9.68 -18.60
CA LEU A 74 10.81 -9.43 -17.86
C LEU A 74 9.74 -9.09 -18.86
N PRO A 75 8.56 -9.73 -18.75
CA PRO A 75 7.55 -9.39 -19.74
C PRO A 75 7.03 -7.95 -19.56
N ASP A 76 6.44 -7.43 -20.61
CA ASP A 76 5.85 -6.11 -20.60
C ASP A 76 4.80 -5.91 -19.51
N ASP A 77 3.87 -6.85 -19.35
CA ASP A 77 2.85 -6.74 -18.26
C ASP A 77 3.50 -6.53 -16.90
N TYR A 78 4.61 -7.24 -16.71
CA TYR A 78 5.36 -7.16 -15.50
C TYR A 78 6.00 -5.79 -15.34
N LEU A 79 6.62 -5.28 -16.40
CA LEU A 79 7.13 -3.90 -16.34
C LEU A 79 6.07 -2.87 -15.91
N VAL A 80 4.89 -3.00 -16.47
CA VAL A 80 3.84 -2.04 -16.23
C VAL A 80 3.39 -2.12 -14.76
N ALA A 81 3.24 -3.35 -14.24
CA ALA A 81 2.74 -3.51 -12.85
C ALA A 81 3.69 -2.93 -11.89
N LEU A 82 4.94 -3.14 -12.17
CA LEU A 82 6.02 -2.59 -11.38
C LEU A 82 6.07 -1.07 -11.44
N VAL A 83 5.77 -0.48 -12.60
CA VAL A 83 5.67 0.99 -12.73
C VAL A 83 4.47 1.49 -11.91
N GLY A 84 3.31 0.81 -12.05
CA GLY A 84 2.14 1.02 -11.17
C GLY A 84 2.49 1.10 -9.69
N ALA A 85 3.16 0.06 -9.20
CA ALA A 85 3.63 0.02 -7.83
C ALA A 85 4.57 1.19 -7.41
N MET A 86 5.49 1.57 -8.28
CA MET A 86 6.42 2.67 -7.96
C MET A 86 5.67 4.02 -7.92
N VAL A 87 4.76 4.24 -8.87
CA VAL A 87 3.97 5.49 -8.96
C VAL A 87 3.17 5.64 -7.66
N THR A 88 2.54 4.55 -7.23
CA THR A 88 1.80 4.49 -6.00
C THR A 88 2.67 4.81 -4.80
N GLU A 89 3.77 4.09 -4.63
CA GLU A 89 4.74 4.39 -3.58
C GLU A 89 5.30 5.83 -3.60
N GLU A 90 5.63 6.32 -4.81
CA GLU A 90 6.34 7.63 -4.95
C GLU A 90 5.45 8.79 -4.60
N ALA A 91 4.14 8.58 -4.70
CA ALA A 91 3.14 9.46 -4.14
C ALA A 91 3.09 9.57 -2.56
N LEU A 92 4.09 9.07 -1.81
CA LEU A 92 4.09 9.07 -0.32
C LEU A 92 3.81 10.43 0.39
N PRO A 93 4.34 11.55 -0.14
CA PRO A 93 4.02 12.83 0.51
C PRO A 93 2.51 13.16 0.66
N THR A 94 1.69 12.69 -0.29
CA THR A 94 0.22 12.92 -0.27
C THR A 94 -0.61 11.88 0.49
N TYR A 95 -0.01 10.79 0.94
CA TYR A 95 -0.71 9.80 1.78
C TYR A 95 -0.45 9.98 3.28
N GLN A 96 0.76 10.38 3.66
CA GLN A 96 1.07 10.59 5.08
C GLN A 96 0.40 11.87 5.63
N THR A 97 0.07 12.81 4.73
CA THR A 97 -0.52 14.11 5.11
C THR A 97 -1.85 14.07 5.90
N MET A 98 -2.78 13.20 5.50
CA MET A 98 -4.00 12.98 6.28
C MET A 98 -3.71 12.48 7.70
N LEU A 99 -2.78 11.53 7.82
CA LEU A 99 -2.42 10.92 9.11
C LEU A 99 -1.54 11.82 9.99
N ASN A 100 -0.95 12.87 9.40
CA ASN A 100 -0.23 13.89 10.19
C ASN A 100 -1.16 14.56 11.17
N THR A 101 -0.78 14.54 12.44
CA THR A 101 -1.58 15.15 13.48
C THR A 101 -0.73 16.27 14.11
N THR A 102 -1.23 17.51 14.04
CA THR A 102 -0.56 18.67 14.66
C THR A 102 -0.83 18.64 16.16
N ASP A 103 -0.17 17.69 16.83
CA ASP A 103 -0.42 17.38 18.24
C ASP A 103 0.90 17.13 18.95
N VAL A 104 0.95 17.55 20.20
CA VAL A 104 2.16 17.50 21.02
C VAL A 104 1.66 17.59 22.48
N ILE A 105 2.08 16.66 23.33
CA ILE A 105 1.55 16.54 24.72
C ILE A 105 2.42 17.34 25.70
N TYR A 106 1.77 17.98 26.67
CA TYR A 106 2.44 18.74 27.74
C TYR A 106 2.18 18.09 29.09
N ASP A 107 3.26 17.82 29.82
CA ASP A 107 3.14 17.25 31.17
C ASP A 107 4.40 17.60 31.97
N GLU A 108 4.60 16.96 33.12
CA GLU A 108 5.73 17.27 33.99
C GLU A 108 7.14 17.04 33.39
N SER A 109 7.28 16.14 32.39
CA SER A 109 8.56 15.97 31.68
C SER A 109 8.80 17.03 30.59
N GLY A 110 7.78 17.87 30.34
CA GLY A 110 7.84 18.95 29.37
C GLY A 110 6.93 18.65 28.19
N ALA A 111 7.35 19.12 27.03
CA ALA A 111 6.68 18.86 25.76
C ALA A 111 7.18 17.52 25.25
N SER A 112 6.29 16.74 24.63
CA SER A 112 6.67 15.52 23.92
C SER A 112 5.74 15.26 22.73
N PRO A 113 6.17 14.33 21.85
CA PRO A 113 5.29 14.08 20.72
C PRO A 113 4.25 13.06 21.12
N VAL A 114 3.03 13.29 20.70
CA VAL A 114 1.96 12.30 20.86
C VAL A 114 2.44 10.95 20.27
N PRO A 115 2.13 9.80 20.94
CA PRO A 115 2.57 8.58 20.26
C PRO A 115 2.06 8.38 18.81
N TRP A 116 0.85 8.86 18.49
CA TRP A 116 0.33 8.90 17.09
C TRP A 116 1.31 9.52 16.06
N ALA A 117 1.99 10.59 16.48
CA ALA A 117 2.90 11.33 15.61
C ALA A 117 4.22 10.61 15.52
N VAL A 118 4.66 10.00 16.64
CA VAL A 118 5.88 9.18 16.70
C VAL A 118 5.70 8.02 15.70
N TRP A 119 4.52 7.39 15.72
CA TRP A 119 4.23 6.29 14.78
C TRP A 119 4.24 6.78 13.30
N THR A 120 3.47 7.83 13.03
CA THR A 120 3.32 8.38 11.67
C THR A 120 4.65 8.77 11.07
N ARG A 121 5.46 9.47 11.85
CA ARG A 121 6.77 9.91 11.40
C ARG A 121 7.70 8.74 11.06
N ALA A 122 7.84 7.80 11.99
CA ALA A 122 8.67 6.62 11.80
C ALA A 122 8.13 5.75 10.67
N TRP A 123 6.80 5.69 10.56
CA TRP A 123 6.19 4.90 9.48
C TRP A 123 6.48 5.59 8.13
N THR A 124 6.24 6.89 8.06
CA THR A 124 6.65 7.66 6.87
C THR A 124 8.16 7.39 6.54
N ALA A 125 9.01 7.37 7.53
CA ALA A 125 10.42 7.10 7.24
C ALA A 125 10.61 5.71 6.65
N GLU A 126 9.80 4.76 7.08
CA GLU A 126 9.86 3.41 6.49
C GLU A 126 9.47 3.46 5.07
N GLU A 127 8.32 4.10 4.82
CA GLU A 127 7.66 4.15 3.50
C GLU A 127 8.55 4.79 2.44
N ASN A 128 9.27 5.84 2.83
CA ASN A 128 10.19 6.58 1.97
C ASN A 128 11.19 5.71 1.16
N ARG A 129 11.61 4.59 1.72
CA ARG A 129 12.51 3.68 1.05
C ARG A 129 11.88 2.84 -0.05
N HIS A 130 10.57 2.66 -0.01
CA HIS A 130 9.87 1.77 -0.94
C HIS A 130 9.91 2.29 -2.36
N GLY A 131 9.46 3.52 -2.57
CA GLY A 131 9.51 4.15 -3.90
C GLY A 131 10.97 4.33 -4.34
N ASP A 132 11.91 4.68 -3.42
CA ASP A 132 13.30 4.90 -3.84
CA ASP A 132 13.31 4.90 -3.79
C ASP A 132 13.94 3.67 -4.42
N ILE A 133 13.83 2.52 -3.73
CA ILE A 133 14.43 1.30 -4.27
C ILE A 133 13.89 0.93 -5.64
N VAL A 134 12.56 0.89 -5.80
CA VAL A 134 11.97 0.53 -7.09
C VAL A 134 12.32 1.56 -8.16
N ASN A 135 12.34 2.82 -7.80
CA ASN A 135 12.68 3.88 -8.75
C ASN A 135 14.14 3.72 -9.25
N LYS A 136 15.11 3.56 -8.35
CA LYS A 136 16.48 3.38 -8.83
CA LYS A 136 16.52 3.32 -8.74
C LYS A 136 16.70 2.08 -9.57
N TYR A 137 15.99 1.03 -9.19
CA TYR A 137 16.13 -0.23 -9.90
C TYR A 137 15.61 -0.14 -11.33
N LEU A 138 14.39 0.38 -11.50
CA LEU A 138 13.84 0.61 -12.83
C LEU A 138 14.71 1.55 -13.70
N TYR A 139 15.20 2.62 -13.10
CA TYR A 139 16.13 3.50 -13.79
C TYR A 139 17.33 2.73 -14.36
N LEU A 140 18.02 1.99 -13.51
CA LEU A 140 19.22 1.27 -13.93
C LEU A 140 18.89 0.21 -15.02
N SER A 141 17.72 -0.44 -14.94
CA SER A 141 17.38 -1.47 -15.92
C SER A 141 17.29 -0.94 -17.32
N GLY A 142 16.94 0.33 -17.48
CA GLY A 142 16.75 0.88 -18.81
C GLY A 142 15.41 0.47 -19.44
N ARG A 143 14.62 -0.33 -18.76
CA ARG A 143 13.42 -0.94 -19.38
C ARG A 143 12.20 0.00 -19.51
N VAL A 144 12.24 1.16 -18.84
CA VAL A 144 11.11 2.09 -18.82
C VAL A 144 11.65 3.51 -18.97
N ASP A 145 10.78 4.40 -19.44
CA ASP A 145 11.17 5.76 -19.75
C ASP A 145 10.95 6.57 -18.50
N MET A 146 12.01 6.73 -17.74
CA MET A 146 11.89 7.38 -16.42
C MET A 146 11.46 8.87 -16.48
N LYS A 147 11.77 9.54 -17.59
CA LYS A 147 11.32 10.93 -17.82
C LYS A 147 9.80 11.00 -17.83
N GLN A 148 9.14 10.14 -18.58
CA GLN A 148 7.70 10.19 -18.66
C GLN A 148 7.03 9.80 -17.35
N ILE A 149 7.62 8.84 -16.68
CA ILE A 149 7.14 8.41 -15.37
C ILE A 149 7.35 9.51 -14.26
N GLU A 150 8.50 10.22 -14.28
CA GLU A 150 8.67 11.37 -13.34
C GLU A 150 7.59 12.46 -13.54
N LYS A 151 7.24 12.76 -14.78
CA LYS A 151 6.15 13.72 -15.06
C LYS A 151 4.87 13.25 -14.41
N THR A 152 4.53 11.98 -14.70
CA THR A 152 3.34 11.34 -14.16
C THR A 152 3.29 11.54 -12.66
N ILE A 153 4.40 11.27 -12.00
CA ILE A 153 4.51 11.36 -10.56
C ILE A 153 4.31 12.81 -10.05
N GLN A 154 4.88 13.79 -10.77
CA GLN A 154 4.68 15.21 -10.41
C GLN A 154 3.17 15.56 -10.52
N TYR A 155 2.52 15.25 -11.64
CA TYR A 155 1.06 15.44 -11.73
C TYR A 155 0.35 14.79 -10.56
N LEU A 156 0.76 13.57 -10.21
CA LEU A 156 0.08 12.84 -9.18
C LEU A 156 0.22 13.40 -7.73
N ILE A 157 1.42 13.80 -7.32
CA ILE A 157 1.62 14.48 -6.04
C ILE A 157 0.81 15.81 -6.07
N GLY A 158 0.86 16.55 -7.16
CA GLY A 158 0.05 17.75 -7.27
C GLY A 158 -1.47 17.59 -7.04
N SER A 159 -2.04 16.44 -7.41
CA SER A 159 -3.45 16.09 -7.14
C SER A 159 -3.68 15.81 -5.65
N GLY A 160 -2.91 14.87 -5.09
CA GLY A 160 -2.95 14.50 -3.65
C GLY A 160 -4.28 14.19 -2.97
N ASP A 166 -13.31 14.00 3.14
CA ASP A 166 -13.89 14.31 4.45
C ASP A 166 -12.85 14.23 5.58
N ASN A 167 -12.88 15.19 6.50
CA ASN A 167 -11.85 15.33 7.54
C ASN A 167 -11.90 14.35 8.72
N ASN A 168 -12.95 13.50 8.80
CA ASN A 168 -13.12 12.52 9.90
C ASN A 168 -11.79 11.74 10.17
N PRO A 169 -11.24 11.75 11.41
CA PRO A 169 -9.92 11.14 11.70
C PRO A 169 -9.84 9.58 11.80
N TYR A 170 -10.97 8.88 11.93
CA TYR A 170 -10.99 7.44 11.73
C TYR A 170 -10.70 6.99 10.29
N LEU A 171 -11.08 7.83 9.32
CA LEU A 171 -11.09 7.47 7.90
C LEU A 171 -9.71 7.12 7.41
N ALA A 172 -8.74 7.94 7.82
CA ALA A 172 -7.38 7.72 7.42
C ALA A 172 -6.92 6.33 7.87
N TYR A 173 -7.20 5.97 9.13
CA TYR A 173 -6.77 4.68 9.73
C TYR A 173 -7.36 3.45 9.02
N ILE A 174 -8.65 3.54 8.70
CA ILE A 174 -9.36 2.49 7.98
C ILE A 174 -8.77 2.37 6.60
N TYR A 175 -8.71 3.46 5.86
CA TYR A 175 -8.15 3.45 4.49
C TYR A 175 -6.75 2.79 4.45
N THR A 176 -5.91 3.17 5.41
CA THR A 176 -4.54 2.70 5.45
C THR A 176 -4.45 1.23 5.81
N SER A 177 -5.35 0.76 6.68
CA SER A 177 -5.47 -0.69 6.89
C SER A 177 -5.66 -1.44 5.59
N TYR A 178 -6.66 -1.00 4.80
CA TYR A 178 -6.98 -1.66 3.53
C TYR A 178 -5.81 -1.57 2.56
N GLN A 179 -5.22 -0.39 2.47
CA GLN A 179 -4.15 -0.10 1.51
C GLN A 179 -2.84 -0.89 1.80
N GLU A 180 -2.52 -1.00 3.07
CA GLU A 180 -1.37 -1.81 3.52
C GLU A 180 -1.56 -3.30 3.20
N ARG A 181 -2.76 -3.84 3.40
CA ARG A 181 -3.04 -5.25 3.04
C ARG A 181 -3.01 -5.47 1.51
N ALA A 182 -3.63 -4.58 0.76
CA ALA A 182 -3.59 -4.63 -0.70
C ALA A 182 -2.15 -4.54 -1.22
N THR A 183 -1.38 -3.61 -0.68
CA THR A 183 -0.02 -3.40 -1.18
CA THR A 183 0.00 -3.37 -1.12
C THR A 183 0.93 -4.55 -0.71
N ALA A 184 0.72 -5.11 0.49
CA ALA A 184 1.48 -6.30 0.92
C ALA A 184 1.26 -7.46 -0.03
N ILE A 185 -0.01 -7.67 -0.46
CA ILE A 185 -0.36 -8.76 -1.35
C ILE A 185 0.18 -8.49 -2.74
N SER A 186 0.02 -7.26 -3.26
CA SER A 186 0.52 -6.92 -4.60
C SER A 186 2.03 -7.00 -4.70
N HIS A 187 2.76 -6.39 -3.77
CA HIS A 187 4.24 -6.46 -3.86
C HIS A 187 4.70 -7.90 -3.69
N GLY A 188 3.99 -8.66 -2.86
CA GLY A 188 4.35 -10.05 -2.60
C GLY A 188 4.19 -10.86 -3.87
N SER A 189 3.08 -10.67 -4.57
CA SER A 189 2.83 -11.40 -5.80
C SER A 189 3.75 -10.98 -6.94
N LEU A 190 4.00 -9.67 -7.08
CA LEU A 190 5.10 -9.20 -7.97
C LEU A 190 6.44 -9.85 -7.66
N GLY A 191 6.77 -9.93 -6.38
CA GLY A 191 7.99 -10.62 -6.02
C GLY A 191 7.99 -12.08 -6.48
N ARG A 192 6.89 -12.77 -6.19
CA ARG A 192 6.77 -14.20 -6.55
C ARG A 192 6.95 -14.39 -8.05
N LEU A 193 6.29 -13.55 -8.86
CA LEU A 193 6.47 -13.63 -10.32
C LEU A 193 7.90 -13.33 -10.79
N ALA A 194 8.56 -12.31 -10.21
CA ALA A 194 9.99 -12.03 -10.47
C ALA A 194 10.86 -13.28 -10.15
N ARG A 195 10.54 -13.91 -9.03
CA ARG A 195 11.23 -15.16 -8.65
C ARG A 195 11.04 -16.26 -9.71
N GLN A 196 9.79 -16.43 -10.13
CA GLN A 196 9.42 -17.42 -11.12
C GLN A 196 10.21 -17.20 -12.43
N LYS A 197 10.56 -15.95 -12.73
CA LYS A 197 11.36 -15.66 -13.89
C LYS A 197 12.85 -15.70 -13.64
N GLY A 198 13.28 -16.08 -12.44
CA GLY A 198 14.68 -16.09 -12.12
C GLY A 198 15.33 -14.75 -11.75
N GLU A 199 14.52 -13.71 -11.61
CA GLU A 199 15.02 -12.37 -11.26
C GLU A 199 14.95 -12.33 -9.72
N MET A 200 15.95 -12.96 -9.11
CA MET A 200 15.98 -13.15 -7.63
C MET A 200 16.25 -11.84 -6.84
N LYS A 201 16.96 -10.87 -7.44
CA LYS A 201 17.20 -9.59 -6.76
C LYS A 201 15.91 -8.75 -6.76
N LEU A 202 15.23 -8.70 -7.89
CA LEU A 202 13.99 -8.00 -7.95
C LEU A 202 12.93 -8.68 -7.04
N ALA A 203 12.93 -10.02 -6.98
CA ALA A 203 12.06 -10.75 -6.08
C ALA A 203 12.33 -10.36 -4.63
N GLN A 204 13.59 -10.21 -4.29
CA GLN A 204 14.00 -9.86 -2.93
C GLN A 204 13.46 -8.45 -2.52
N ILE A 205 13.61 -7.54 -3.47
CA ILE A 205 13.12 -6.17 -3.32
C ILE A 205 11.63 -6.15 -3.06
N CYS A 206 10.89 -6.77 -3.99
CA CYS A 206 9.44 -6.83 -3.87
C CYS A 206 9.00 -7.54 -2.61
N GLY A 207 9.69 -8.63 -2.26
CA GLY A 207 9.37 -9.40 -1.06
C GLY A 207 9.69 -8.67 0.22
N THR A 208 10.75 -7.88 0.21
CA THR A 208 11.16 -7.12 1.41
C THR A 208 10.21 -5.97 1.68
N ILE A 209 9.82 -5.32 0.61
CA ILE A 209 8.76 -4.31 0.77
C ILE A 209 7.47 -4.95 1.33
N SER A 210 7.04 -6.05 0.74
CA SER A 210 5.83 -6.79 1.19
C SER A 210 5.87 -7.08 2.69
N ALA A 211 7.03 -7.50 3.18
CA ALA A 211 7.19 -7.79 4.61
C ALA A 211 7.04 -6.51 5.44
N ASP A 212 7.59 -5.38 4.98
CA ASP A 212 7.28 -4.09 5.66
C ASP A 212 5.75 -3.86 5.68
N GLU A 213 5.13 -4.06 4.55
CA GLU A 213 3.70 -3.74 4.46
C GLU A 213 2.87 -4.69 5.41
N LYS A 214 3.38 -5.90 5.66
CA LYS A 214 2.66 -6.88 6.47
C LYS A 214 2.70 -6.35 7.89
N ARG A 215 3.84 -5.79 8.32
CA ARG A 215 3.92 -5.15 9.64
C ARG A 215 3.00 -3.91 9.77
N HIS A 216 3.04 -3.06 8.74
CA HIS A 216 2.24 -1.90 8.72
C HIS A 216 0.79 -2.29 8.78
N GLU A 217 0.37 -3.20 7.91
CA GLU A 217 -1.01 -3.69 7.93
C GLU A 217 -1.47 -4.17 9.32
N ALA A 218 -0.58 -4.89 10.03
CA ALA A 218 -0.84 -5.37 11.40
C ALA A 218 -1.06 -4.24 12.42
N ALA A 219 -0.21 -3.21 12.37
CA ALA A 219 -0.35 -2.01 13.23
C ALA A 219 -1.67 -1.27 12.95
N TYR A 220 -1.94 -1.00 11.67
CA TYR A 220 -3.16 -0.27 11.28
C TYR A 220 -4.46 -1.07 11.56
N SER A 221 -4.51 -2.36 11.23
CA SER A 221 -5.68 -3.19 11.55
CA SER A 221 -5.68 -3.18 11.54
C SER A 221 -5.97 -3.19 13.05
N LYS A 222 -4.92 -3.26 13.88
CA LYS A 222 -5.02 -3.20 15.35
C LYS A 222 -5.56 -1.85 15.80
N ILE A 223 -5.13 -0.78 15.18
CA ILE A 223 -5.71 0.53 15.49
C ILE A 223 -7.23 0.54 15.23
N VAL A 224 -7.60 0.07 14.05
CA VAL A 224 -9.03 0.05 13.68
C VAL A 224 -9.82 -0.85 14.69
N GLU A 225 -9.18 -1.96 15.07
CA GLU A 225 -9.76 -2.90 16.00
C GLU A 225 -10.11 -2.21 17.25
N LYS A 226 -9.13 -1.43 17.75
CA LYS A 226 -9.27 -0.69 18.96
C LYS A 226 -10.34 0.37 18.90
N LEU A 227 -10.46 1.04 17.75
CA LEU A 227 -11.50 2.02 17.48
C LEU A 227 -12.89 1.39 17.51
N PHE A 228 -13.01 0.21 16.94
CA PHE A 228 -14.26 -0.61 17.04
C PHE A 228 -14.59 -1.03 18.46
N GLU A 229 -13.56 -1.26 19.26
CA GLU A 229 -13.74 -1.62 20.66
C GLU A 229 -14.25 -0.43 21.46
N LEU A 230 -13.62 0.71 21.28
CA LEU A 230 -13.93 1.90 22.07
C LEU A 230 -15.06 2.76 21.59
N ASP A 231 -15.33 2.74 20.30
CA ASP A 231 -16.35 3.58 19.71
C ASP A 231 -16.94 2.79 18.54
N PRO A 232 -17.75 1.75 18.83
CA PRO A 232 -18.30 0.92 17.72
C PRO A 232 -19.19 1.71 16.77
N GLU A 233 -19.94 2.68 17.30
CA GLU A 233 -20.90 3.44 16.51
C GLU A 233 -20.20 4.38 15.47
N GLY A 234 -19.23 5.19 15.95
CA GLY A 234 -18.41 6.03 15.10
C GLY A 234 -17.62 5.25 14.07
N THR A 235 -17.06 4.12 14.44
CA THR A 235 -16.21 3.37 13.54
C THR A 235 -16.98 2.70 12.39
N MET A 236 -18.18 2.21 12.74
CA MET A 236 -19.05 1.56 11.79
C MET A 236 -19.54 2.57 10.74
N LEU A 237 -19.94 3.75 11.19
CA LEU A 237 -20.37 4.80 10.28
C LEU A 237 -19.22 5.22 9.34
N ALA A 238 -18.02 5.40 9.90
CA ALA A 238 -16.83 5.69 9.10
C ALA A 238 -16.53 4.55 8.08
N LEU A 239 -16.63 3.30 8.51
CA LEU A 239 -16.31 2.19 7.62
C LEU A 239 -17.32 2.09 6.49
N ALA A 240 -18.59 2.28 6.81
CA ALA A 240 -19.57 2.28 5.79
C ALA A 240 -19.31 3.42 4.77
N TYR A 241 -18.92 4.58 5.29
CA TYR A 241 -18.57 5.73 4.41
C TYR A 241 -17.38 5.39 3.45
N MET A 242 -16.33 4.82 4.03
CA MET A 242 -15.16 4.43 3.30
C MET A 242 -15.45 3.41 2.24
N MET A 243 -16.17 2.34 2.57
CA MET A 243 -16.57 1.36 1.55
C MET A 243 -17.41 2.00 0.44
N LYS A 244 -18.36 2.84 0.81
CA LYS A 244 -19.26 3.50 -0.16
C LYS A 244 -18.57 4.51 -1.03
N MET A 245 -17.67 5.31 -0.42
CA MET A 245 -17.15 6.50 -1.10
C MET A 245 -15.76 6.21 -1.58
N LYS A 246 -14.84 6.00 -0.65
CA LYS A 246 -13.42 5.95 -1.01
C LYS A 246 -12.90 4.61 -1.58
N ILE A 247 -12.98 3.51 -0.82
CA ILE A 247 -12.31 2.25 -1.17
C ILE A 247 -13.12 1.39 -2.15
N VAL A 248 -12.81 1.47 -3.45
CA VAL A 248 -13.65 0.83 -4.50
C VAL A 248 -12.92 -0.27 -5.30
N MET A 249 -13.71 -1.17 -5.92
CA MET A 249 -13.17 -2.41 -6.50
C MET A 249 -11.90 -2.07 -7.26
N PRO A 250 -10.80 -2.78 -6.95
CA PRO A 250 -9.39 -2.47 -6.92
C PRO A 250 -9.00 -1.28 -7.80
N ASP A 261 -7.35 6.79 -17.08
CA ASP A 261 -7.08 5.67 -17.97
C ASP A 261 -5.74 4.95 -17.64
N MET A 262 -4.70 5.69 -17.29
CA MET A 262 -3.47 5.06 -16.94
C MET A 262 -3.58 4.15 -15.70
N PHE A 263 -4.33 4.58 -14.69
CA PHE A 263 -4.54 3.76 -13.47
C PHE A 263 -5.45 2.57 -13.72
N GLN A 264 -6.39 2.74 -14.63
CA GLN A 264 -7.23 1.64 -15.09
C GLN A 264 -6.34 0.60 -15.77
N HIS A 265 -5.40 1.07 -16.56
CA HIS A 265 -4.50 0.17 -17.23
C HIS A 265 -3.56 -0.60 -16.26
N PHE A 266 -2.99 0.08 -15.26
CA PHE A 266 -2.29 -0.60 -14.15
C PHE A 266 -3.13 -1.66 -13.48
N SER A 267 -4.40 -1.31 -13.27
CA SER A 267 -5.38 -2.20 -12.64
C SER A 267 -5.70 -3.42 -13.48
N ALA A 268 -5.84 -3.22 -14.78
CA ALA A 268 -6.09 -4.33 -15.70
C ALA A 268 -4.93 -5.32 -15.77
N VAL A 269 -3.72 -4.76 -15.77
CA VAL A 269 -2.52 -5.56 -15.84
C VAL A 269 -2.32 -6.37 -14.55
N SER A 270 -2.56 -5.74 -13.41
CA SER A 270 -2.52 -6.46 -12.11
C SER A 270 -3.59 -7.55 -12.02
N GLN A 271 -4.75 -7.33 -12.63
CA GLN A 271 -5.79 -8.33 -12.73
C GLN A 271 -5.35 -9.55 -13.52
N ARG A 272 -4.98 -9.36 -14.79
CA ARG A 272 -4.54 -10.51 -15.61
C ARG A 272 -3.27 -11.20 -15.18
N LEU A 273 -2.35 -10.48 -14.55
CA LEU A 273 -1.21 -11.14 -13.97
C LEU A 273 -1.51 -11.93 -12.70
N GLY A 274 -2.63 -11.64 -12.04
CA GLY A 274 -2.99 -12.35 -10.78
C GLY A 274 -2.38 -11.70 -9.55
N ILE A 275 -1.67 -10.58 -9.73
CA ILE A 275 -1.00 -9.82 -8.65
CA ILE A 275 -1.02 -9.96 -8.57
C ILE A 275 -1.99 -9.20 -7.66
N TYR A 276 -3.06 -8.62 -8.22
CA TYR A 276 -4.08 -7.99 -7.42
C TYR A 276 -5.38 -7.99 -8.21
N THR A 277 -6.29 -8.86 -7.82
CA THR A 277 -7.52 -9.13 -8.57
C THR A 277 -8.77 -8.71 -7.83
N ALA A 278 -9.90 -8.76 -8.56
CA ALA A 278 -11.23 -8.48 -8.01
C ALA A 278 -11.56 -9.46 -6.88
N LYS A 279 -11.16 -10.71 -7.08
CA LYS A 279 -11.31 -11.76 -6.07
C LYS A 279 -10.50 -11.41 -4.82
N GLU A 280 -9.26 -10.96 -5.02
CA GLU A 280 -8.48 -10.50 -3.88
C GLU A 280 -9.07 -9.28 -3.19
N TYR A 281 -9.66 -8.35 -3.95
CA TYR A 281 -10.34 -7.24 -3.27
C TYR A 281 -11.43 -7.73 -2.32
N THR A 282 -12.28 -8.63 -2.82
CA THR A 282 -13.36 -9.19 -2.03
C THR A 282 -12.84 -9.95 -0.83
N ASP A 283 -11.80 -10.74 -1.05
CA ASP A 283 -11.10 -11.43 0.04
C ASP A 283 -10.59 -10.49 1.10
N ILE A 284 -10.07 -9.32 0.72
CA ILE A 284 -9.62 -8.31 1.74
C ILE A 284 -10.82 -7.78 2.55
N LEU A 285 -11.88 -7.40 1.86
CA LEU A 285 -13.10 -7.05 2.59
C LEU A 285 -13.60 -8.11 3.63
N GLU A 286 -13.69 -9.38 3.22
CA GLU A 286 -14.06 -10.48 4.19
C GLU A 286 -13.10 -10.62 5.36
N HIS A 287 -11.80 -10.58 5.07
CA HIS A 287 -10.77 -10.60 6.14
C HIS A 287 -10.96 -9.45 7.15
N MET A 288 -11.24 -8.24 6.66
CA MET A 288 -11.37 -7.09 7.55
C MET A 288 -12.64 -7.21 8.39
N ILE A 289 -13.73 -7.63 7.74
CA ILE A 289 -14.99 -7.92 8.43
C ILE A 289 -14.76 -8.92 9.56
N ALA A 290 -14.08 -10.03 9.27
CA ALA A 290 -13.69 -11.04 10.28
C ALA A 290 -12.74 -10.52 11.37
N ARG A 291 -11.62 -9.93 10.96
CA ARG A 291 -10.62 -9.41 11.88
C ARG A 291 -11.15 -8.43 12.90
N TRP A 292 -12.02 -7.54 12.46
CA TRP A 292 -12.58 -6.52 13.32
C TRP A 292 -13.95 -6.92 13.88
N GLY A 293 -14.45 -8.10 13.52
CA GLY A 293 -15.75 -8.59 13.96
C GLY A 293 -16.87 -7.64 13.66
N VAL A 294 -16.90 -7.11 12.42
CA VAL A 294 -17.90 -6.13 12.03
C VAL A 294 -19.29 -6.76 11.95
N ASP A 295 -19.37 -8.02 11.52
CA ASP A 295 -20.68 -8.70 11.51
C ASP A 295 -21.12 -9.15 12.94
N LYS A 296 -20.30 -8.88 13.94
CA LYS A 296 -20.60 -9.31 15.34
C LYS A 296 -20.76 -8.19 16.36
N LEU A 297 -20.79 -6.95 15.86
CA LEU A 297 -20.98 -5.77 16.69
C LEU A 297 -22.36 -5.78 17.28
N THR A 298 -22.46 -5.23 18.49
CA THR A 298 -23.70 -5.25 19.26
C THR A 298 -23.91 -3.87 19.82
N GLY A 299 -25.15 -3.56 20.17
CA GLY A 299 -25.44 -2.28 20.87
C GLY A 299 -25.48 -1.06 19.93
N LEU A 300 -25.47 -1.31 18.64
CA LEU A 300 -25.56 -0.24 17.63
C LEU A 300 -26.94 0.41 17.60
N SER A 301 -26.97 1.66 17.17
CA SER A 301 -28.24 2.37 16.98
C SER A 301 -28.84 1.81 15.70
N GLY A 302 -30.04 2.30 15.34
CA GLY A 302 -30.62 2.04 14.01
C GLY A 302 -29.71 2.48 12.87
N GLU A 303 -29.07 3.62 13.04
CA GLU A 303 -28.17 4.16 12.04
C GLU A 303 -26.95 3.21 11.89
N GLY A 304 -26.40 2.80 13.04
CA GLY A 304 -25.27 1.88 13.11
C GLY A 304 -25.53 0.56 12.44
N ARG A 305 -26.71 -0.01 12.69
CA ARG A 305 -27.11 -1.24 12.07
C ARG A 305 -27.30 -1.07 10.56
N ARG A 306 -27.86 0.07 10.12
CA ARG A 306 -28.00 0.29 8.65
C ARG A 306 -26.56 0.22 8.09
N ALA A 307 -25.61 0.92 8.70
CA ALA A 307 -24.20 0.94 8.25
C ALA A 307 -23.53 -0.43 8.27
N GLN A 308 -23.74 -1.20 9.35
CA GLN A 308 -23.26 -2.59 9.47
C GLN A 308 -23.84 -3.51 8.40
N ASP A 309 -25.17 -3.42 8.18
CA ASP A 309 -25.82 -4.23 7.13
C ASP A 309 -25.19 -3.93 5.76
N TYR A 310 -25.05 -2.65 5.43
CA TYR A 310 -24.44 -2.23 4.14
C TYR A 310 -23.08 -2.90 3.98
N VAL A 311 -22.19 -2.70 4.94
CA VAL A 311 -20.82 -3.20 4.81
C VAL A 311 -20.79 -4.74 4.67
N CYS A 312 -21.53 -5.38 5.59
CA CYS A 312 -21.51 -6.84 5.68
C CYS A 312 -22.14 -7.51 4.46
N GLY A 313 -23.07 -6.82 3.76
CA GLY A 313 -23.57 -7.29 2.47
C GLY A 313 -22.69 -7.10 1.23
N LEU A 314 -21.54 -6.44 1.36
CA LEU A 314 -20.72 -6.16 0.17
C LEU A 314 -20.04 -7.37 -0.48
N PRO A 315 -19.39 -8.25 0.30
CA PRO A 315 -18.73 -9.43 -0.34
C PRO A 315 -19.63 -10.28 -1.31
N MET A 316 -20.89 -10.51 -0.91
CA MET A 316 -21.88 -11.18 -1.75
C MET A 316 -22.12 -10.37 -3.01
N ARG A 317 -22.17 -9.04 -2.89
CA ARG A 317 -22.33 -8.19 -4.07
C ARG A 317 -21.08 -8.28 -4.98
N PHE A 318 -19.88 -8.24 -4.41
CA PHE A 318 -18.67 -8.21 -5.24
C PHE A 318 -18.22 -9.53 -5.86
N ARG A 319 -18.56 -10.67 -5.25
CA ARG A 319 -18.34 -11.99 -5.91
C ARG A 319 -18.88 -12.03 -7.31
N LYS A 320 -20.07 -11.44 -7.48
CA LYS A 320 -20.80 -11.47 -8.75
C LYS A 320 -20.10 -10.80 -9.94
N VAL A 321 -19.25 -9.83 -9.67
CA VAL A 321 -18.51 -9.11 -10.72
C VAL A 321 -17.03 -9.55 -10.93
N GLU A 322 -16.59 -10.59 -10.22
CA GLU A 322 -15.23 -11.12 -10.38
C GLU A 322 -14.90 -11.65 -11.79
N GLU A 323 -15.82 -12.46 -12.34
CA GLU A 323 -15.61 -13.08 -13.65
C GLU A 323 -15.62 -12.06 -14.79
N ARG A 324 -16.25 -10.92 -14.58
CA ARG A 324 -16.27 -9.83 -15.58
C ARG A 324 -14.97 -9.04 -15.54
N ALA A 325 -14.42 -8.82 -14.35
CA ALA A 325 -13.11 -8.16 -14.22
C ALA A 325 -12.05 -8.90 -15.03
N GLN A 326 -12.05 -10.23 -14.95
CA GLN A 326 -11.06 -11.03 -15.69
CA GLN A 326 -11.12 -11.11 -15.70
C GLN A 326 -11.15 -10.84 -17.21
N ALA A 327 -12.35 -10.92 -17.78
CA ALA A 327 -12.56 -10.74 -19.24
C ALA A 327 -12.08 -9.39 -19.77
N TRP A 328 -12.52 -8.32 -19.10
CA TRP A 328 -12.10 -6.94 -19.37
C TRP A 328 -10.57 -6.73 -19.39
N ALA A 329 -9.88 -7.32 -18.41
CA ALA A 329 -8.42 -7.16 -18.33
C ALA A 329 -7.71 -7.82 -19.52
N GLU A 330 -8.25 -8.95 -19.99
CA GLU A 330 -7.67 -9.72 -21.11
C GLU A 330 -7.65 -9.00 -22.46
N ASN A 331 -8.47 -7.97 -22.62
CA ASN A 331 -8.52 -7.15 -23.84
C ASN A 331 -7.64 -5.90 -23.88
N ILE A 332 -6.87 -5.66 -22.82
CA ILE A 332 -6.09 -4.39 -22.75
C ILE A 332 -4.83 -4.43 -23.62
N SER A 333 -4.59 -3.29 -24.27
CA SER A 333 -3.47 -3.10 -25.19
C SER A 333 -2.53 -2.11 -24.54
N HIS A 334 -1.22 -2.37 -24.64
CA HIS A 334 -0.19 -1.37 -24.29
C HIS A 334 0.05 -0.26 -25.32
N VAL A 335 -0.63 -0.32 -26.45
CA VAL A 335 -0.34 0.63 -27.54
C VAL A 335 -0.51 2.10 -27.13
N PRO A 336 -1.65 2.47 -26.50
CA PRO A 336 -1.73 3.84 -25.90
C PRO A 336 -0.72 4.13 -24.81
N PHE A 337 0.01 3.12 -24.34
CA PHE A 337 0.90 3.27 -23.16
C PHE A 337 2.32 2.95 -23.51
N SER A 338 2.64 2.95 -24.79
CA SER A 338 3.98 2.58 -25.21
C SER A 338 5.01 3.55 -24.59
N TRP A 339 4.57 4.75 -24.26
CA TRP A 339 5.40 5.76 -23.63
C TRP A 339 6.07 5.34 -22.33
N ILE A 340 5.44 4.38 -21.62
CA ILE A 340 6.05 3.76 -20.43
C ILE A 340 7.37 3.05 -20.70
N PHE A 341 7.50 2.41 -21.85
CA PHE A 341 8.63 1.50 -22.08
C PHE A 341 9.95 2.22 -22.46
N GLY A 342 11.05 1.56 -22.17
CA GLY A 342 12.38 2.08 -22.47
C GLY A 342 13.04 1.14 -23.44
N ARG A 343 14.24 0.65 -23.11
CA ARG A 343 14.98 -0.14 -24.09
CA ARG A 343 15.02 -0.14 -24.07
C ARG A 343 14.47 -1.59 -24.20
N ARG A 344 14.52 -2.12 -25.42
CA ARG A 344 14.16 -3.51 -25.72
C ARG A 344 15.46 -4.20 -26.12
#